data_2H6L
#
_entry.id   2H6L
#
_cell.length_a   47.673
_cell.length_b   47.714
_cell.length_c   47.665
_cell.angle_alpha   70.75
_cell.angle_beta   70.81
_cell.angle_gamma   70.83
#
_symmetry.space_group_name_H-M   'P 1'
#
loop_
_entity.id
_entity.type
_entity.pdbx_description
1 polymer 'Hypothetical protein'
2 non-polymer 'ZINC ION'
3 non-polymer 'ACETIC ACID'
4 water water
#
_entity_poly.entity_id   1
_entity_poly.type   'polypeptide(L)'
_entity_poly.pdbx_seq_one_letter_code
;(MSE)KVFEFEVGKGFLLRLDYGKDLVRQIEEFLEEKGIHAAHISAIGAVRSAVIGYYDQEKKEYVKKEL(MSE)EPLEI
LSLSGNVS(MSE)KDSKPFCHIHVLLGKDGEVYGGHLFSAEVFACEVFVLPLSGEAPERAFDEQTGLFLWLEHHHHHH
;
_entity_poly.pdbx_strand_id   A,B,C
#
# COMPACT_ATOMS: atom_id res chain seq x y z
N LYS A 2 21.46 0.73 -3.90
CA LYS A 2 21.70 -0.43 -3.05
C LYS A 2 20.59 -1.45 -3.27
N VAL A 3 20.98 -2.70 -3.50
CA VAL A 3 20.03 -3.77 -3.73
C VAL A 3 20.16 -4.86 -2.66
N PHE A 4 19.05 -5.23 -2.06
CA PHE A 4 19.04 -6.29 -1.05
C PHE A 4 18.09 -7.37 -1.55
N GLU A 5 18.62 -8.56 -1.77
CA GLU A 5 17.84 -9.67 -2.28
C GLU A 5 17.36 -10.61 -1.19
N PHE A 6 16.13 -11.10 -1.35
CA PHE A 6 15.52 -12.01 -0.40
C PHE A 6 14.63 -13.05 -1.05
N GLU A 7 14.16 -14.00 -0.24
CA GLU A 7 13.24 -15.05 -0.68
C GLU A 7 12.04 -14.89 0.23
N VAL A 8 10.85 -15.13 -0.28
CA VAL A 8 9.65 -15.04 0.53
C VAL A 8 9.18 -16.46 0.82
N GLY A 9 8.50 -16.65 1.94
CA GLY A 9 8.02 -17.97 2.30
C GLY A 9 6.81 -17.92 3.20
N LYS A 10 6.96 -17.27 4.36
CA LYS A 10 5.86 -17.15 5.31
C LYS A 10 5.08 -15.86 5.12
N GLY A 11 3.94 -15.80 5.80
CA GLY A 11 3.08 -14.63 5.74
C GLY A 11 2.34 -14.56 7.07
N PHE A 12 2.10 -13.34 7.55
CA PHE A 12 1.41 -13.18 8.81
C PHE A 12 0.35 -12.10 8.78
N LEU A 13 -0.79 -12.38 9.38
CA LEU A 13 -1.86 -11.41 9.50
C LEU A 13 -1.99 -11.28 11.01
N LEU A 14 -1.98 -10.06 11.52
CA LEU A 14 -2.08 -9.92 12.96
C LEU A 14 -3.24 -9.03 13.35
N ARG A 15 -3.84 -9.34 14.49
CA ARG A 15 -4.92 -8.51 15.02
C ARG A 15 -4.25 -7.86 16.24
N LEU A 16 -3.99 -6.56 16.14
CA LEU A 16 -3.36 -5.82 17.22
C LEU A 16 -4.30 -5.60 18.39
N ASP A 17 -3.74 -5.34 19.56
CA ASP A 17 -4.53 -5.10 20.76
C ASP A 17 -5.01 -3.66 20.86
N TYR A 18 -6.26 -3.51 21.26
CA TYR A 18 -6.88 -2.20 21.45
C TYR A 18 -6.15 -1.43 22.55
N GLY A 19 -5.96 -0.13 22.35
CA GLY A 19 -5.31 0.69 23.35
C GLY A 19 -3.79 0.65 23.46
N LYS A 20 -3.12 -0.18 22.67
CA LYS A 20 -1.66 -0.27 22.72
C LYS A 20 -1.06 0.38 21.47
N ASP A 21 0.21 0.78 21.55
CA ASP A 21 0.87 1.41 20.41
C ASP A 21 1.02 0.50 19.20
N LEU A 22 0.67 1.03 18.04
CA LEU A 22 0.73 0.26 16.81
C LEU A 22 2.16 -0.18 16.50
N VAL A 23 3.09 0.77 16.45
CA VAL A 23 4.48 0.43 16.14
C VAL A 23 5.07 -0.55 17.15
N ARG A 24 4.86 -0.29 18.44
CA ARG A 24 5.39 -1.15 19.49
C ARG A 24 4.93 -2.61 19.40
N GLN A 25 3.65 -2.82 19.09
CA GLN A 25 3.12 -4.17 18.98
C GLN A 25 3.78 -4.94 17.86
N ILE A 26 3.93 -4.30 16.70
CA ILE A 26 4.56 -4.95 15.57
C ILE A 26 5.99 -5.31 15.95
N GLU A 27 6.71 -4.37 16.54
CA GLU A 27 8.10 -4.61 16.92
C GLU A 27 8.20 -5.78 17.90
N GLU A 28 7.21 -5.94 18.77
CA GLU A 28 7.25 -7.05 19.72
C GLU A 28 7.08 -8.35 18.94
N PHE A 29 6.18 -8.34 17.96
CA PHE A 29 5.94 -9.51 17.15
C PHE A 29 7.22 -9.92 16.42
N LEU A 30 7.88 -8.95 15.80
CA LEU A 30 9.12 -9.20 15.05
C LEU A 30 10.21 -9.82 15.92
N GLU A 31 10.38 -9.28 17.13
CA GLU A 31 11.40 -9.78 18.07
C GLU A 31 11.10 -11.23 18.42
N GLU A 32 9.83 -11.51 18.66
CA GLU A 32 9.39 -12.86 19.02
C GLU A 32 9.66 -13.87 17.92
N LYS A 33 9.42 -13.47 16.67
CA LYS A 33 9.64 -14.36 15.54
C LYS A 33 11.05 -14.26 14.99
N GLY A 34 11.78 -13.23 15.42
CA GLY A 34 13.13 -13.07 14.93
C GLY A 34 13.17 -12.61 13.47
N ILE A 35 12.21 -11.77 13.10
CA ILE A 35 12.15 -11.25 11.72
C ILE A 35 13.01 -9.99 11.67
N HIS A 36 14.03 -9.96 10.82
CA HIS A 36 14.90 -8.80 10.71
C HIS A 36 14.69 -7.96 9.45
N ALA A 37 13.95 -8.52 8.49
CA ALA A 37 13.67 -7.81 7.25
C ALA A 37 12.27 -8.21 6.80
N ALA A 38 11.46 -7.23 6.41
CA ALA A 38 10.10 -7.51 5.98
C ALA A 38 9.39 -6.32 5.37
N HIS A 39 8.27 -6.60 4.71
CA HIS A 39 7.43 -5.57 4.11
C HIS A 39 6.21 -5.53 5.02
N ILE A 40 5.72 -4.33 5.31
CA ILE A 40 4.57 -4.16 6.19
C ILE A 40 3.42 -3.39 5.57
N SER A 41 2.20 -3.82 5.89
CA SER A 41 1.01 -3.16 5.41
C SER A 41 -0.10 -3.32 6.45
N ALA A 42 -0.96 -2.33 6.59
CA ALA A 42 -2.04 -2.42 7.56
C ALA A 42 -3.19 -1.47 7.26
N ILE A 43 -4.36 -1.78 7.81
CA ILE A 43 -5.53 -0.94 7.66
C ILE A 43 -6.30 -1.04 8.98
N GLY A 44 -7.27 -0.17 9.19
CA GLY A 44 -8.02 -0.21 10.42
C GLY A 44 -8.28 1.19 10.92
N ALA A 45 -8.22 1.38 12.23
CA ALA A 45 -8.44 2.71 12.81
C ALA A 45 -7.64 2.87 14.09
N VAL A 46 -7.34 4.13 14.42
CA VAL A 46 -6.57 4.46 15.61
C VAL A 46 -7.32 5.49 16.44
N ARG A 47 -7.01 5.54 17.73
CA ARG A 47 -7.64 6.49 18.65
C ARG A 47 -6.86 7.81 18.68
N SER A 48 -5.60 7.76 18.28
CA SER A 48 -4.76 8.95 18.25
C SER A 48 -3.45 8.58 17.57
N ALA A 49 -2.60 9.58 17.35
CA ALA A 49 -1.34 9.28 16.70
C ALA A 49 -0.37 10.45 16.70
N VAL A 50 0.87 10.13 16.35
CA VAL A 50 1.91 11.13 16.23
C VAL A 50 2.61 10.84 14.91
N ILE A 51 2.53 11.78 13.99
CA ILE A 51 3.16 11.64 12.68
C ILE A 51 4.12 12.81 12.50
N GLY A 52 4.71 12.91 11.31
CA GLY A 52 5.62 14.02 11.09
C GLY A 52 6.20 14.02 9.71
N TYR A 53 6.80 15.14 9.33
CA TYR A 53 7.41 15.24 8.02
C TYR A 53 8.87 15.64 8.23
N TYR A 54 9.72 15.27 7.28
CA TYR A 54 11.13 15.56 7.38
C TYR A 54 11.56 16.83 6.63
N ASP A 55 12.09 17.80 7.37
CA ASP A 55 12.58 19.02 6.73
C ASP A 55 13.88 18.57 6.07
N GLN A 56 13.89 18.57 4.75
CA GLN A 56 15.06 18.11 4.00
C GLN A 56 16.27 19.02 4.01
N GLU A 57 16.09 20.27 4.47
CA GLU A 57 17.22 21.21 4.54
C GLU A 57 17.79 21.31 5.95
N LYS A 58 16.93 21.48 6.94
CA LYS A 58 17.37 21.57 8.32
C LYS A 58 17.77 20.17 8.78
N LYS A 59 17.30 19.17 8.03
CA LYS A 59 17.63 17.78 8.33
C LYS A 59 17.11 17.32 9.69
N GLU A 60 15.82 17.54 9.93
CA GLU A 60 15.19 17.11 11.17
C GLU A 60 13.69 16.93 11.00
N TYR A 61 13.12 16.02 11.77
CA TYR A 61 11.70 15.75 11.68
C TYR A 61 10.88 16.85 12.34
N VAL A 62 9.65 17.01 11.87
CA VAL A 62 8.70 17.98 12.39
C VAL A 62 7.44 17.17 12.61
N LYS A 63 7.11 16.92 13.88
CA LYS A 63 5.94 16.10 14.18
C LYS A 63 4.63 16.84 14.40
N LYS A 64 3.55 16.09 14.21
CA LYS A 64 2.20 16.60 14.39
C LYS A 64 1.44 15.62 15.28
N GLU A 65 0.75 16.16 16.28
CA GLU A 65 -0.02 15.34 17.20
C GLU A 65 -1.45 15.36 16.76
N LEU A 66 -2.10 14.20 16.84
CA LEU A 66 -3.50 14.06 16.46
C LEU A 66 -4.19 13.29 17.57
N GLU A 68 -7.45 12.62 18.00
CA GLU A 68 -8.82 12.39 17.54
C GLU A 68 -8.81 11.06 16.82
N PRO A 69 -9.88 10.26 16.98
CA PRO A 69 -9.97 8.97 16.32
C PRO A 69 -9.81 9.18 14.82
N LEU A 70 -9.03 8.33 14.17
CA LEU A 70 -8.81 8.44 12.73
C LEU A 70 -8.76 7.07 12.08
N GLU A 71 -9.15 7.00 10.82
CA GLU A 71 -9.11 5.74 10.09
C GLU A 71 -7.69 5.60 9.54
N ILE A 72 -7.20 4.37 9.47
CA ILE A 72 -5.89 4.14 8.88
C ILE A 72 -6.25 3.98 7.42
N LEU A 73 -6.07 5.06 6.65
CA LEU A 73 -6.41 5.04 5.24
C LEU A 73 -5.37 4.29 4.43
N SER A 74 -4.15 4.29 4.95
CA SER A 74 -3.02 3.63 4.32
C SER A 74 -1.86 3.56 5.30
N LEU A 75 -1.29 2.37 5.43
CA LEU A 75 -0.15 2.13 6.30
C LEU A 75 0.78 1.19 5.55
N SER A 76 1.99 1.65 5.30
CA SER A 76 2.95 0.84 4.56
C SER A 76 4.37 1.07 5.07
N GLY A 77 5.21 0.05 4.96
CA GLY A 77 6.57 0.23 5.44
C GLY A 77 7.40 -1.02 5.37
N ASN A 78 8.55 -0.98 6.05
CA ASN A 78 9.44 -2.10 6.05
C ASN A 78 10.13 -2.29 7.38
N VAL A 79 10.74 -3.47 7.53
CA VAL A 79 11.49 -3.83 8.72
C VAL A 79 12.93 -4.02 8.31
N SER A 80 13.85 -3.54 9.15
CA SER A 80 15.27 -3.68 8.88
C SER A 80 16.00 -3.61 10.21
N LYS A 82 18.41 -1.85 12.99
CA LYS A 82 18.92 -0.59 13.51
C LYS A 82 19.26 -0.85 14.98
N ASP A 83 20.49 -0.53 15.37
CA ASP A 83 20.91 -0.77 16.74
C ASP A 83 20.73 -2.26 17.10
N SER A 84 21.09 -3.11 16.15
CA SER A 84 21.02 -4.57 16.30
C SER A 84 19.67 -5.17 16.69
N LYS A 85 18.58 -4.57 16.23
CA LYS A 85 17.25 -5.09 16.52
C LYS A 85 16.28 -4.67 15.45
N PRO A 86 15.24 -5.49 15.20
CA PRO A 86 14.27 -5.13 14.15
C PRO A 86 13.69 -3.73 14.35
N PHE A 87 13.81 -2.91 13.32
CA PHE A 87 13.33 -1.54 13.37
C PHE A 87 12.30 -1.26 12.26
N CYS A 88 11.16 -0.70 12.64
CA CYS A 88 10.08 -0.40 11.69
C CYS A 88 10.15 1.03 11.16
N HIS A 89 9.99 1.17 9.84
CA HIS A 89 9.95 2.47 9.18
C HIS A 89 8.59 2.45 8.50
N ILE A 90 7.66 3.23 9.03
CA ILE A 90 6.31 3.24 8.48
C ILE A 90 5.76 4.61 8.13
N HIS A 91 5.07 4.68 7.00
CA HIS A 91 4.44 5.92 6.57
C HIS A 91 2.94 5.65 6.55
N VAL A 92 2.15 6.65 6.91
CA VAL A 92 0.70 6.46 6.93
C VAL A 92 -0.10 7.63 6.43
N LEU A 93 -1.37 7.34 6.20
CA LEU A 93 -2.37 8.31 5.78
C LEU A 93 -3.51 7.98 6.74
N LEU A 94 -3.86 8.97 7.55
CA LEU A 94 -4.93 8.83 8.55
C LEU A 94 -5.96 9.91 8.30
N GLY A 95 -7.21 9.64 8.66
CA GLY A 95 -8.23 10.63 8.47
C GLY A 95 -9.61 10.06 8.25
N LYS A 96 -10.52 10.92 7.82
CA LYS A 96 -11.89 10.53 7.56
C LYS A 96 -12.43 11.45 6.46
N ASP A 97 -13.06 10.85 5.46
CA ASP A 97 -13.61 11.59 4.32
C ASP A 97 -12.57 12.52 3.71
N GLY A 98 -12.83 13.82 3.75
CA GLY A 98 -11.91 14.78 3.18
C GLY A 98 -10.85 15.29 4.15
N GLU A 99 -10.91 14.84 5.40
CA GLU A 99 -9.94 15.23 6.41
C GLU A 99 -8.82 14.21 6.40
N VAL A 100 -7.74 14.52 5.70
CA VAL A 100 -6.63 13.59 5.61
C VAL A 100 -5.29 14.16 6.05
N TYR A 101 -4.55 13.35 6.79
CA TYR A 101 -3.23 13.71 7.31
C TYR A 101 -2.30 12.60 6.86
N GLY A 102 -1.02 12.90 6.70
CA GLY A 102 -0.09 11.87 6.28
C GLY A 102 1.35 12.16 6.66
N GLY A 103 2.16 11.13 6.76
CA GLY A 103 3.56 11.32 7.10
C GLY A 103 4.27 10.12 7.67
N HIS A 104 5.44 10.39 8.24
CA HIS A 104 6.26 9.39 8.88
C HIS A 104 5.51 9.07 10.19
N LEU A 105 5.34 7.79 10.49
CA LEU A 105 4.61 7.40 11.70
C LEU A 105 5.55 7.22 12.89
N PHE A 106 5.21 7.86 14.01
CA PHE A 106 6.02 7.75 15.22
C PHE A 106 5.31 6.87 16.22
N SER A 107 4.02 7.13 16.41
CA SER A 107 3.21 6.33 17.33
C SER A 107 1.73 6.44 16.99
N ALA A 108 0.97 5.43 17.40
CA ALA A 108 -0.46 5.41 17.18
C ALA A 108 -1.10 4.44 18.17
N GLU A 109 -2.16 4.91 18.82
CA GLU A 109 -2.89 4.07 19.76
C GLU A 109 -3.86 3.32 18.90
N VAL A 110 -3.85 1.99 19.00
CA VAL A 110 -4.74 1.17 18.20
C VAL A 110 -6.19 1.08 18.67
N PHE A 111 -7.12 1.12 17.70
CA PHE A 111 -8.54 0.96 17.99
C PHE A 111 -8.80 -0.46 17.48
N ALA A 112 -8.51 -0.66 16.19
CA ALA A 112 -8.64 -1.96 15.54
C ALA A 112 -7.65 -1.92 14.39
N CYS A 113 -6.70 -2.85 14.39
CA CYS A 113 -5.69 -2.88 13.34
C CYS A 113 -5.35 -4.29 12.86
N GLU A 114 -5.38 -4.47 11.55
CA GLU A 114 -5.08 -5.73 10.92
C GLU A 114 -3.82 -5.48 10.10
N VAL A 115 -2.75 -6.16 10.47
CA VAL A 115 -1.46 -5.97 9.83
C VAL A 115 -1.02 -7.17 9.01
N PHE A 116 -0.43 -6.89 7.85
CA PHE A 116 0.06 -7.96 7.01
C PHE A 116 1.57 -7.86 7.09
N VAL A 117 2.22 -8.93 7.52
CA VAL A 117 3.67 -8.93 7.62
C VAL A 117 4.25 -9.96 6.66
N LEU A 118 5.12 -9.51 5.78
CA LEU A 118 5.75 -10.40 4.81
C LEU A 118 7.24 -10.46 5.13
N PRO A 119 7.67 -11.46 5.91
CA PRO A 119 9.08 -11.58 6.26
C PRO A 119 9.93 -11.82 5.02
N LEU A 120 11.14 -11.26 5.02
CA LEU A 120 12.05 -11.42 3.91
C LEU A 120 13.30 -12.13 4.40
N SER A 121 13.55 -13.32 3.86
CA SER A 121 14.69 -14.14 4.23
C SER A 121 15.93 -13.80 3.38
N GLY A 122 16.95 -13.26 4.04
CA GLY A 122 18.17 -12.89 3.36
C GLY A 122 18.93 -11.94 4.27
N GLU A 123 19.98 -11.30 3.77
CA GLU A 123 20.73 -10.37 4.60
C GLU A 123 19.90 -9.12 4.87
N ALA A 124 19.59 -8.87 6.13
CA ALA A 124 18.80 -7.71 6.52
C ALA A 124 19.57 -6.40 6.37
N PRO A 125 18.95 -5.38 5.77
CA PRO A 125 19.66 -4.11 5.64
C PRO A 125 19.79 -3.43 7.00
N GLU A 126 20.93 -2.80 7.22
CA GLU A 126 21.19 -2.12 8.48
C GLU A 126 21.15 -0.62 8.24
N ARG A 127 20.58 0.11 9.19
CA ARG A 127 20.48 1.56 9.07
C ARG A 127 21.67 2.26 9.73
N ALA A 128 22.35 3.08 8.96
CA ALA A 128 23.50 3.85 9.45
C ALA A 128 23.31 5.30 9.03
N PHE A 129 23.84 6.21 9.83
CA PHE A 129 23.71 7.63 9.52
C PHE A 129 24.22 7.95 8.13
N ASP A 130 23.44 8.72 7.38
CA ASP A 130 23.82 9.13 6.04
C ASP A 130 23.96 10.65 6.07
N GLU A 131 25.16 11.13 5.71
CA GLU A 131 25.46 12.56 5.71
C GLU A 131 24.58 13.37 4.75
N GLN A 132 24.38 12.84 3.55
CA GLN A 132 23.60 13.50 2.53
C GLN A 132 22.20 13.90 2.97
N THR A 133 21.48 12.98 3.59
CA THR A 133 20.11 13.26 4.02
C THR A 133 19.94 13.56 5.51
N GLY A 134 20.88 13.12 6.33
CA GLY A 134 20.80 13.35 7.77
C GLY A 134 19.89 12.29 8.36
N LEU A 135 19.57 11.31 7.52
CA LEU A 135 18.69 10.20 7.87
C LEU A 135 19.53 8.95 8.15
N PHE A 136 18.90 7.91 8.68
CA PHE A 136 19.60 6.66 8.92
C PHE A 136 19.17 5.70 7.82
N LEU A 137 19.97 5.65 6.76
CA LEU A 137 19.66 4.81 5.60
C LEU A 137 20.42 3.48 5.56
N TRP A 138 19.95 2.56 4.73
CA TRP A 138 20.57 1.24 4.61
C TRP A 138 21.99 1.26 4.05
N LEU A 139 22.87 0.52 4.69
CA LEU A 139 24.27 0.44 4.27
C LEU A 139 24.50 -0.89 3.57
N GLU A 140 24.20 -1.98 4.28
CA GLU A 140 24.35 -3.33 3.74
C GLU A 140 23.86 -4.35 4.76
N LYS B 2 -3.45 -11.28 18.29
CA LYS B 2 -3.73 -12.53 17.59
C LYS B 2 -2.81 -12.64 16.37
N VAL B 3 -2.20 -13.81 16.22
CA VAL B 3 -1.27 -14.05 15.12
C VAL B 3 -1.73 -15.18 14.22
N PHE B 4 -1.86 -14.90 12.93
CA PHE B 4 -2.26 -15.93 11.97
C PHE B 4 -1.08 -16.13 11.03
N GLU B 5 -0.56 -17.35 11.01
CA GLU B 5 0.58 -17.70 10.18
C GLU B 5 0.18 -18.34 8.86
N PHE B 6 0.93 -18.00 7.81
CA PHE B 6 0.66 -18.54 6.47
C PHE B 6 1.93 -18.77 5.66
N GLU B 7 1.74 -19.35 4.48
CA GLU B 7 2.82 -19.59 3.54
C GLU B 7 2.33 -18.93 2.25
N VAL B 8 3.24 -18.31 1.52
CA VAL B 8 2.88 -17.68 0.26
C VAL B 8 3.41 -18.57 -0.87
N GLY B 9 2.76 -18.51 -2.02
CA GLY B 9 3.19 -19.33 -3.14
C GLY B 9 2.80 -18.72 -4.47
N LYS B 10 1.50 -18.49 -4.65
CA LYS B 10 0.99 -17.92 -5.90
C LYS B 10 0.78 -16.42 -5.80
N GLY B 11 0.56 -15.80 -6.95
CA GLY B 11 0.31 -14.37 -7.01
C GLY B 11 -0.62 -14.14 -8.18
N PHE B 12 -1.47 -13.12 -8.08
CA PHE B 12 -2.42 -12.83 -9.14
C PHE B 12 -2.53 -11.34 -9.44
N LEU B 13 -2.62 -11.02 -10.73
CA LEU B 13 -2.81 -9.64 -11.13
C LEU B 13 -4.12 -9.70 -11.91
N LEU B 14 -5.07 -8.86 -11.55
CA LEU B 14 -6.35 -8.90 -12.25
C LEU B 14 -6.67 -7.58 -12.93
N ARG B 15 -7.29 -7.67 -14.09
CA ARG B 15 -7.74 -6.48 -14.80
C ARG B 15 -9.26 -6.55 -14.61
N LEU B 16 -9.80 -5.66 -13.78
CA LEU B 16 -11.23 -5.63 -13.52
C LEU B 16 -12.06 -5.12 -14.68
N ASP B 17 -13.34 -5.49 -14.67
CA ASP B 17 -14.26 -5.06 -15.73
C ASP B 17 -14.80 -3.66 -15.51
N TYR B 18 -14.82 -2.89 -16.59
CA TYR B 18 -15.34 -1.54 -16.58
C TYR B 18 -16.84 -1.54 -16.26
N GLY B 19 -17.26 -0.61 -15.42
CA GLY B 19 -18.67 -0.52 -15.07
C GLY B 19 -19.21 -1.49 -14.04
N LYS B 20 -18.35 -2.31 -13.45
CA LYS B 20 -18.78 -3.28 -12.45
C LYS B 20 -18.21 -2.89 -11.09
N ASP B 21 -18.81 -3.37 -10.01
CA ASP B 21 -18.33 -3.04 -8.67
C ASP B 21 -16.97 -3.67 -8.36
N LEU B 22 -16.05 -2.83 -7.88
CA LEU B 22 -14.70 -3.27 -7.56
C LEU B 22 -14.68 -4.42 -6.54
N VAL B 23 -15.31 -4.21 -5.39
CA VAL B 23 -15.35 -5.23 -4.34
C VAL B 23 -15.98 -6.53 -4.79
N ARG B 24 -17.10 -6.43 -5.51
CA ARG B 24 -17.79 -7.64 -5.98
C ARG B 24 -16.95 -8.48 -6.93
N GLN B 25 -16.23 -7.82 -7.85
CA GLN B 25 -15.39 -8.53 -8.79
C GLN B 25 -14.29 -9.33 -8.09
N ILE B 26 -13.65 -8.70 -7.11
CA ILE B 26 -12.60 -9.39 -6.38
C ILE B 26 -13.21 -10.58 -5.64
N GLU B 27 -14.36 -10.36 -5.01
CA GLU B 27 -15.01 -11.44 -4.28
C GLU B 27 -15.41 -12.61 -5.19
N GLU B 28 -15.81 -12.32 -6.42
CA GLU B 28 -16.18 -13.40 -7.34
C GLU B 28 -14.91 -14.18 -7.64
N PHE B 29 -13.80 -13.47 -7.82
CA PHE B 29 -12.52 -14.09 -8.11
C PHE B 29 -12.08 -15.01 -6.96
N LEU B 30 -12.20 -14.52 -5.73
CA LEU B 30 -11.81 -15.30 -4.55
C LEU B 30 -12.62 -16.58 -4.41
N GLU B 31 -13.91 -16.50 -4.73
CA GLU B 31 -14.81 -17.65 -4.65
C GLU B 31 -14.43 -18.69 -5.69
N GLU B 32 -14.20 -18.21 -6.91
CA GLU B 32 -13.82 -19.08 -8.01
C GLU B 32 -12.52 -19.84 -7.73
N LYS B 33 -11.56 -19.17 -7.09
CA LYS B 33 -10.28 -19.79 -6.77
C LYS B 33 -10.26 -20.46 -5.40
N GLY B 34 -11.24 -20.18 -4.56
CA GLY B 34 -11.25 -20.77 -3.24
C GLY B 34 -10.22 -20.13 -2.33
N ILE B 35 -10.04 -18.81 -2.45
CA ILE B 35 -9.08 -18.09 -1.61
C ILE B 35 -9.82 -17.61 -0.37
N HIS B 36 -9.42 -18.09 0.80
CA HIS B 36 -10.07 -17.68 2.05
C HIS B 36 -9.27 -16.66 2.85
N ALA B 37 -8.00 -16.50 2.50
CA ALA B 37 -7.11 -15.56 3.18
C ALA B 37 -6.15 -14.97 2.16
N ALA B 38 -5.97 -13.65 2.22
CA ALA B 38 -5.06 -13.00 1.30
C ALA B 38 -4.83 -11.52 1.62
N HIS B 39 -3.82 -10.96 0.98
CA HIS B 39 -3.50 -9.55 1.13
C HIS B 39 -3.89 -8.93 -0.21
N ILE B 40 -4.52 -7.76 -0.18
CA ILE B 40 -4.98 -7.10 -1.39
C ILE B 40 -4.37 -5.73 -1.61
N SER B 41 -4.16 -5.39 -2.89
CA SER B 41 -3.61 -4.10 -3.25
C SER B 41 -4.10 -3.74 -4.66
N ALA B 42 -4.33 -2.46 -4.93
CA ALA B 42 -4.77 -2.06 -6.27
C ALA B 42 -4.59 -0.59 -6.56
N ILE B 43 -4.57 -0.27 -7.85
CA ILE B 43 -4.46 1.11 -8.31
C ILE B 43 -5.33 1.22 -9.56
N GLY B 44 -5.60 2.44 -9.99
CA GLY B 44 -6.43 2.62 -11.17
C GLY B 44 -7.36 3.80 -10.95
N ALA B 45 -8.58 3.70 -11.46
CA ALA B 45 -9.56 4.77 -11.33
C ALA B 45 -10.98 4.21 -11.27
N VAL B 46 -11.87 4.96 -10.64
CA VAL B 46 -13.27 4.56 -10.51
C VAL B 46 -14.18 5.68 -11.02
N ARG B 47 -15.39 5.31 -11.42
CA ARG B 47 -16.38 6.26 -11.93
C ARG B 47 -17.17 6.86 -10.77
N SER B 48 -17.31 6.09 -9.69
CA SER B 48 -18.03 6.55 -8.51
C SER B 48 -17.64 5.62 -7.37
N ALA B 49 -18.08 5.94 -6.15
CA ALA B 49 -17.73 5.09 -5.04
C ALA B 49 -18.51 5.44 -3.80
N VAL B 50 -18.45 4.54 -2.82
CA VAL B 50 -19.09 4.75 -1.54
C VAL B 50 -18.11 4.31 -0.46
N ILE B 51 -17.65 5.27 0.34
CA ILE B 51 -16.70 4.98 1.41
C ILE B 51 -17.33 5.42 2.73
N GLY B 52 -16.53 5.44 3.79
CA GLY B 52 -17.05 5.85 5.08
C GLY B 52 -16.04 5.72 6.20
N TYR B 53 -16.39 6.24 7.36
CA TYR B 53 -15.50 6.14 8.51
C TYR B 53 -16.28 5.57 9.69
N TYR B 54 -15.57 4.96 10.64
CA TYR B 54 -16.21 4.36 11.78
C TYR B 54 -16.22 5.26 13.02
N ASP B 55 -17.41 5.59 13.51
CA ASP B 55 -17.51 6.40 14.72
C ASP B 55 -17.16 5.39 15.81
N GLN B 56 -16.02 5.59 16.45
CA GLN B 56 -15.54 4.66 17.49
C GLN B 56 -16.31 4.70 18.80
N GLU B 57 -17.17 5.69 18.96
CA GLU B 57 -17.97 5.84 20.18
C GLU B 57 -19.37 5.26 19.97
N LYS B 58 -20.07 5.78 18.97
CA LYS B 58 -21.40 5.30 18.65
C LYS B 58 -21.32 3.89 18.08
N LYS B 59 -20.13 3.51 17.66
CA LYS B 59 -19.88 2.19 17.10
C LYS B 59 -20.72 1.87 15.87
N GLU B 60 -20.65 2.76 14.88
CA GLU B 60 -21.35 2.56 13.62
C GLU B 60 -20.61 3.31 12.52
N TYR B 61 -20.72 2.81 11.29
CA TYR B 61 -20.06 3.46 10.17
C TYR B 61 -20.85 4.66 9.70
N VAL B 62 -20.15 5.63 9.12
CA VAL B 62 -20.76 6.82 8.57
C VAL B 62 -20.32 6.83 7.12
N LYS B 63 -21.26 6.65 6.21
CA LYS B 63 -20.94 6.59 4.78
C LYS B 63 -20.89 7.93 4.06
N LYS B 64 -20.18 7.93 2.93
CA LYS B 64 -20.04 9.11 2.10
C LYS B 64 -20.11 8.68 0.63
N GLU B 65 -21.01 9.31 -0.13
CA GLU B 65 -21.15 8.97 -1.54
C GLU B 65 -20.31 9.91 -2.37
N LEU B 66 -19.69 9.37 -3.41
CA LEU B 66 -18.88 10.16 -4.32
C LEU B 66 -19.29 9.79 -5.74
N GLU B 68 -18.46 11.08 -8.70
CA GLU B 68 -17.56 11.78 -9.61
C GLU B 68 -16.37 10.88 -9.84
N PRO B 69 -15.88 10.82 -11.09
CA PRO B 69 -14.73 9.98 -11.42
C PRO B 69 -13.57 10.33 -10.48
N LEU B 70 -12.88 9.30 -9.98
CA LEU B 70 -11.76 9.49 -9.08
C LEU B 70 -10.66 8.48 -9.35
N GLU B 71 -9.43 8.88 -9.05
CA GLU B 71 -8.28 8.00 -9.21
C GLU B 71 -8.20 7.19 -7.93
N ILE B 72 -7.74 5.94 -8.03
CA ILE B 72 -7.55 5.12 -6.85
C ILE B 72 -6.11 5.49 -6.51
N LEU B 73 -5.96 6.36 -5.52
CA LEU B 73 -4.63 6.80 -5.11
C LEU B 73 -3.95 5.74 -4.27
N SER B 74 -4.77 4.96 -3.57
CA SER B 74 -4.30 3.87 -2.73
C SER B 74 -5.45 2.93 -2.39
N LEU B 75 -5.20 1.64 -2.54
CA LEU B 75 -6.21 0.64 -2.23
C LEU B 75 -5.47 -0.53 -1.59
N SER B 76 -5.79 -0.77 -0.32
CA SER B 76 -5.14 -1.85 0.40
C SER B 76 -6.13 -2.60 1.28
N GLY B 77 -5.90 -3.89 1.46
CA GLY B 77 -6.79 -4.66 2.29
C GLY B 77 -6.41 -6.10 2.44
N ASN B 78 -7.34 -6.88 2.97
CA ASN B 78 -7.12 -8.29 3.18
C ASN B 78 -8.39 -9.11 2.98
N VAL B 79 -8.21 -10.41 2.84
CA VAL B 79 -9.31 -11.34 2.66
C VAL B 79 -9.32 -12.27 3.86
N SER B 80 -10.52 -12.61 4.32
CA SER B 80 -10.66 -13.53 5.46
C SER B 80 -12.04 -14.14 5.38
N LYS B 82 -15.87 -14.73 6.68
CA LYS B 82 -16.98 -14.12 7.39
C LYS B 82 -18.25 -14.75 6.81
N ASP B 83 -19.12 -15.26 7.69
CA ASP B 83 -20.34 -15.90 7.23
C ASP B 83 -20.01 -17.02 6.23
N SER B 84 -18.94 -17.75 6.52
CA SER B 84 -18.47 -18.88 5.71
C SER B 84 -18.15 -18.60 4.25
N LYS B 85 -17.61 -17.42 3.95
CA LYS B 85 -17.24 -17.10 2.58
C LYS B 85 -16.22 -15.98 2.56
N PRO B 86 -15.30 -16.00 1.59
CA PRO B 86 -14.28 -14.95 1.50
C PRO B 86 -14.84 -13.53 1.61
N PHE B 87 -14.36 -12.80 2.61
CA PHE B 87 -14.82 -11.45 2.85
C PHE B 87 -13.69 -10.41 2.71
N CYS B 88 -13.93 -9.37 1.93
CA CYS B 88 -12.93 -8.34 1.71
C CYS B 88 -13.07 -7.16 2.67
N HIS B 89 -11.94 -6.72 3.22
CA HIS B 89 -11.88 -5.57 4.10
C HIS B 89 -10.88 -4.66 3.40
N ILE B 90 -11.38 -3.59 2.78
CA ILE B 90 -10.51 -2.70 2.03
C ILE B 90 -10.64 -1.23 2.41
N HIS B 91 -9.50 -0.56 2.45
CA HIS B 91 -9.47 0.87 2.74
C HIS B 91 -8.86 1.54 1.52
N VAL B 92 -9.34 2.74 1.21
CA VAL B 92 -8.85 3.44 0.03
C VAL B 92 -8.68 4.92 0.22
N LEU B 93 -8.01 5.50 -0.77
CA LEU B 93 -7.79 6.92 -0.86
C LEU B 93 -8.12 7.17 -2.34
N LEU B 94 -9.14 8.00 -2.57
CA LEU B 94 -9.57 8.32 -3.93
C LEU B 94 -9.49 9.82 -4.11
N GLY B 95 -9.25 10.25 -5.35
CA GLY B 95 -9.18 11.67 -5.59
C GLY B 95 -8.34 12.08 -6.76
N LYS B 96 -7.94 13.35 -6.75
CA LYS B 96 -7.12 13.92 -7.80
C LYS B 96 -6.50 15.22 -7.29
N ASP B 97 -5.19 15.36 -7.50
CA ASP B 97 -4.44 16.53 -7.06
C ASP B 97 -4.59 16.69 -5.55
N GLY B 98 -5.12 17.84 -5.12
CA GLY B 98 -5.30 18.08 -3.70
C GLY B 98 -6.68 17.67 -3.19
N GLU B 99 -7.50 17.13 -4.07
CA GLU B 99 -8.85 16.68 -3.68
C GLU B 99 -8.75 15.21 -3.33
N VAL B 100 -8.56 14.92 -2.05
CA VAL B 100 -8.42 13.55 -1.62
C VAL B 100 -9.46 13.12 -0.58
N TYR B 101 -9.98 11.92 -0.76
CA TYR B 101 -10.98 11.36 0.13
C TYR B 101 -10.41 10.03 0.58
N GLY B 102 -10.84 9.54 1.73
CA GLY B 102 -10.33 8.27 2.20
C GLY B 102 -11.24 7.60 3.21
N GLY B 103 -11.12 6.29 3.34
CA GLY B 103 -11.92 5.57 4.30
C GLY B 103 -12.13 4.11 4.00
N HIS B 104 -13.03 3.52 4.78
CA HIS B 104 -13.41 2.13 4.64
C HIS B 104 -14.15 2.09 3.30
N LEU B 105 -13.79 1.14 2.44
CA LEU B 105 -14.43 1.03 1.14
C LEU B 105 -15.67 0.15 1.17
N PHE B 106 -16.78 0.67 0.68
CA PHE B 106 -18.03 -0.11 0.64
C PHE B 106 -18.31 -0.57 -0.78
N SER B 107 -18.07 0.30 -1.76
CA SER B 107 -18.29 -0.06 -3.15
C SER B 107 -17.69 0.99 -4.07
N ALA B 108 -17.40 0.59 -5.30
CA ALA B 108 -16.85 1.50 -6.29
C ALA B 108 -17.02 0.93 -7.69
N GLU B 109 -17.53 1.75 -8.58
CA GLU B 109 -17.71 1.33 -9.98
C GLU B 109 -16.36 1.49 -10.65
N VAL B 110 -15.87 0.41 -11.24
CA VAL B 110 -14.58 0.41 -11.91
C VAL B 110 -14.51 1.14 -13.26
N PHE B 111 -13.45 1.92 -13.47
CA PHE B 111 -13.23 2.59 -14.75
C PHE B 111 -12.14 1.71 -15.36
N ALA B 112 -11.04 1.58 -14.61
CA ALA B 112 -9.90 0.73 -14.97
C ALA B 112 -9.21 0.39 -13.66
N CYS B 113 -9.11 -0.91 -13.36
CA CYS B 113 -8.48 -1.33 -12.11
C CYS B 113 -7.59 -2.56 -12.24
N GLU B 114 -6.39 -2.46 -11.69
CA GLU B 114 -5.41 -3.54 -11.70
C GLU B 114 -5.22 -3.93 -10.25
N VAL B 115 -5.60 -5.16 -9.93
CA VAL B 115 -5.53 -5.66 -8.57
C VAL B 115 -4.45 -6.71 -8.36
N PHE B 116 -3.72 -6.58 -7.25
CA PHE B 116 -2.69 -7.58 -6.94
C PHE B 116 -3.28 -8.41 -5.80
N VAL B 117 -3.31 -9.72 -5.99
CA VAL B 117 -3.83 -10.58 -4.94
C VAL B 117 -2.78 -11.57 -4.52
N LEU B 118 -2.46 -11.56 -3.23
CA LEU B 118 -1.48 -12.47 -2.67
C LEU B 118 -2.22 -13.40 -1.74
N PRO B 119 -2.59 -14.60 -2.23
CA PRO B 119 -3.32 -15.54 -1.37
C PRO B 119 -2.41 -16.05 -0.25
N LEU B 120 -3.00 -16.33 0.90
CA LEU B 120 -2.24 -16.82 2.04
C LEU B 120 -2.73 -18.20 2.42
N SER B 121 -1.84 -19.18 2.32
CA SER B 121 -2.16 -20.56 2.65
C SER B 121 -1.97 -20.83 4.14
N GLY B 122 -3.08 -21.15 4.81
CA GLY B 122 -3.03 -21.43 6.23
C GLY B 122 -4.43 -21.30 6.78
N GLU B 123 -4.57 -21.35 8.10
CA GLU B 123 -5.89 -21.22 8.70
C GLU B 123 -6.38 -19.80 8.49
N ALA B 124 -7.46 -19.67 7.74
CA ALA B 124 -8.04 -18.36 7.45
C ALA B 124 -8.70 -17.75 8.69
N PRO B 125 -8.42 -16.46 8.96
CA PRO B 125 -9.04 -15.84 10.13
C PRO B 125 -10.54 -15.66 9.89
N GLU B 126 -11.32 -15.83 10.95
CA GLU B 126 -12.77 -15.70 10.88
C GLU B 126 -13.18 -14.45 11.64
N ARG B 127 -14.10 -13.68 11.06
CA ARG B 127 -14.57 -12.46 11.69
C ARG B 127 -15.80 -12.70 12.56
N ALA B 128 -15.69 -12.29 13.81
CA ALA B 128 -16.80 -12.44 14.76
C ALA B 128 -17.01 -11.10 15.45
N PHE B 129 -18.23 -10.85 15.91
CA PHE B 129 -18.53 -9.60 16.58
C PHE B 129 -17.63 -9.42 17.81
N ASP B 130 -17.07 -8.22 17.93
CA ASP B 130 -16.21 -7.88 19.04
C ASP B 130 -16.86 -6.75 19.84
N GLU B 131 -17.23 -7.04 21.08
CA GLU B 131 -17.89 -6.07 21.96
C GLU B 131 -17.14 -4.75 22.12
N GLN B 132 -15.83 -4.85 22.32
CA GLN B 132 -14.98 -3.68 22.53
C GLN B 132 -15.06 -2.61 21.43
N THR B 133 -15.02 -3.03 20.17
CA THR B 133 -15.04 -2.06 19.07
C THR B 133 -16.38 -1.98 18.31
N GLY B 134 -17.15 -3.05 18.36
CA GLY B 134 -18.42 -3.07 17.65
C GLY B 134 -18.23 -3.57 16.23
N LEU B 135 -16.99 -3.89 15.88
CA LEU B 135 -16.68 -4.40 14.54
C LEU B 135 -16.66 -5.91 14.59
N PHE B 136 -16.50 -6.52 13.41
CA PHE B 136 -16.40 -7.97 13.32
C PHE B 136 -14.92 -8.21 13.09
N LEU B 137 -14.20 -8.56 14.16
CA LEU B 137 -12.76 -8.79 14.10
C LEU B 137 -12.39 -10.26 14.07
N TRP B 138 -11.14 -10.55 13.75
CA TRP B 138 -10.68 -11.93 13.65
C TRP B 138 -10.66 -12.66 14.99
N LEU B 139 -10.96 -13.95 14.94
CA LEU B 139 -11.00 -14.77 16.14
C LEU B 139 -10.02 -15.92 16.09
N GLU B 140 -10.23 -16.83 15.14
CA GLU B 140 -9.37 -18.01 15.01
C GLU B 140 -9.69 -18.79 13.73
N LYS C 2 -9.93 -10.19 -16.65
CA LYS C 2 -8.66 -10.80 -17.05
C LYS C 2 -7.89 -11.26 -15.82
N VAL C 3 -7.41 -12.49 -15.85
CA VAL C 3 -6.68 -13.06 -14.73
C VAL C 3 -5.28 -13.52 -15.11
N PHE C 4 -4.28 -13.03 -14.40
CA PHE C 4 -2.89 -13.42 -14.64
C PHE C 4 -2.36 -14.11 -13.40
N GLU C 5 -1.96 -15.38 -13.57
CA GLU C 5 -1.46 -16.17 -12.45
C GLU C 5 0.05 -16.19 -12.39
N PHE C 6 0.59 -16.17 -11.17
CA PHE C 6 2.04 -16.17 -10.94
C PHE C 6 2.43 -16.96 -9.69
N GLU C 7 3.75 -17.07 -9.49
CA GLU C 7 4.33 -17.71 -8.31
C GLU C 7 5.29 -16.67 -7.74
N VAL C 8 5.43 -16.63 -6.43
CA VAL C 8 6.34 -15.68 -5.80
C VAL C 8 7.52 -16.48 -5.24
N GLY C 9 8.69 -15.85 -5.19
CA GLY C 9 9.87 -16.53 -4.69
C GLY C 9 10.88 -15.55 -4.13
N LYS C 10 11.31 -14.61 -4.98
CA LYS C 10 12.28 -13.60 -4.58
C LYS C 10 11.61 -12.35 -4.03
N GLY C 11 12.42 -11.53 -3.38
CA GLY C 11 11.96 -10.27 -2.82
C GLY C 11 13.14 -9.33 -2.84
N PHE C 12 12.88 -8.05 -3.05
CA PHE C 12 13.96 -7.08 -3.11
C PHE C 12 13.61 -5.81 -2.34
N LEU C 13 14.60 -5.25 -1.66
CA LEU C 13 14.42 -4.00 -0.95
C LEU C 13 15.49 -3.14 -1.60
N LEU C 14 15.12 -1.96 -2.08
CA LEU C 14 16.11 -1.11 -2.74
C LEU C 14 16.23 0.25 -2.07
N ARG C 15 17.45 0.77 -2.06
CA ARG C 15 17.71 2.11 -1.54
C ARG C 15 18.05 2.89 -2.80
N LEU C 16 17.14 3.75 -3.23
CA LEU C 16 17.35 4.57 -4.44
C LEU C 16 18.36 5.68 -4.24
N ASP C 17 18.98 6.12 -5.34
CA ASP C 17 19.97 7.19 -5.28
C ASP C 17 19.36 8.58 -5.19
N TYR C 18 19.96 9.42 -4.36
CA TYR C 18 19.52 10.79 -4.16
C TYR C 18 19.66 11.57 -5.48
N GLY C 19 18.72 12.49 -5.71
CA GLY C 19 18.76 13.31 -6.92
C GLY C 19 18.44 12.68 -8.26
N LYS C 20 18.04 11.41 -8.28
CA LYS C 20 17.71 10.74 -9.53
C LYS C 20 16.22 10.45 -9.59
N ASP C 21 15.68 10.18 -10.79
CA ASP C 21 14.25 9.90 -10.90
C ASP C 21 13.86 8.58 -10.25
N LEU C 22 12.78 8.60 -9.49
CA LEU C 22 12.32 7.41 -8.80
C LEU C 22 11.91 6.31 -9.79
N VAL C 23 11.02 6.64 -10.71
CA VAL C 23 10.55 5.68 -11.70
C VAL C 23 11.69 5.12 -12.55
N ARG C 24 12.58 5.99 -13.02
CA ARG C 24 13.69 5.54 -13.85
C ARG C 24 14.59 4.54 -13.15
N GLN C 25 14.88 4.77 -11.87
CA GLN C 25 15.75 3.85 -11.14
C GLN C 25 15.12 2.48 -11.00
N ILE C 26 13.83 2.42 -10.69
CA ILE C 26 13.18 1.14 -10.56
C ILE C 26 13.23 0.40 -11.88
N GLU C 27 12.91 1.10 -12.97
CA GLU C 27 12.93 0.48 -14.29
C GLU C 27 14.33 -0.02 -14.66
N GLU C 28 15.37 0.67 -14.20
CA GLU C 28 16.73 0.23 -14.49
C GLU C 28 16.99 -1.05 -13.73
N PHE C 29 16.49 -1.12 -12.50
CA PHE C 29 16.65 -2.31 -11.69
C PHE C 29 15.93 -3.48 -12.37
N LEU C 30 14.70 -3.24 -12.82
CA LEU C 30 13.91 -4.28 -13.48
C LEU C 30 14.60 -4.85 -14.71
N GLU C 31 15.16 -3.97 -15.52
CA GLU C 31 15.86 -4.37 -16.74
C GLU C 31 17.07 -5.25 -16.41
N GLU C 32 17.80 -4.85 -15.38
CA GLU C 32 18.98 -5.58 -14.94
C GLU C 32 18.65 -6.99 -14.48
N LYS C 33 17.55 -7.15 -13.75
CA LYS C 33 17.15 -8.48 -13.25
C LYS C 33 16.26 -9.22 -14.24
N GLY C 34 15.77 -8.53 -15.27
CA GLY C 34 14.90 -9.20 -16.21
C GLY C 34 13.55 -9.49 -15.59
N ILE C 35 13.04 -8.55 -14.80
CA ILE C 35 11.75 -8.70 -14.15
C ILE C 35 10.70 -8.08 -15.06
N HIS C 36 9.75 -8.87 -15.53
CA HIS C 36 8.70 -8.39 -16.43
C HIS C 36 7.34 -8.21 -15.78
N ALA C 37 7.18 -8.74 -14.58
CA ALA C 37 5.92 -8.64 -13.84
C ALA C 37 6.24 -8.57 -12.35
N ALA C 38 5.62 -7.63 -11.64
CA ALA C 38 5.86 -7.49 -10.22
C ALA C 38 4.89 -6.54 -9.52
N HIS C 39 4.92 -6.58 -8.19
CA HIS C 39 4.09 -5.69 -7.38
C HIS C 39 5.10 -4.75 -6.74
N ILE C 40 4.78 -3.46 -6.72
CA ILE C 40 5.69 -2.46 -6.18
C ILE C 40 5.12 -1.62 -5.05
N SER C 41 5.98 -1.31 -4.08
CA SER C 41 5.59 -0.52 -2.94
C SER C 41 6.79 0.32 -2.47
N ALA C 42 6.55 1.49 -1.88
CA ALA C 42 7.65 2.32 -1.39
C ALA C 42 7.25 3.44 -0.45
N ILE C 43 8.22 3.94 0.30
CA ILE C 43 8.01 5.05 1.21
C ILE C 43 9.30 5.86 1.24
N GLY C 44 9.24 7.06 1.79
CA GLY C 44 10.42 7.89 1.85
C GLY C 44 10.05 9.33 1.59
N ALA C 45 10.88 10.03 0.82
CA ALA C 45 10.63 11.42 0.49
C ALA C 45 11.24 11.78 -0.85
N VAL C 46 10.68 12.80 -1.49
CA VAL C 46 11.14 13.27 -2.79
C VAL C 46 11.37 14.78 -2.73
N ARG C 47 12.21 15.29 -3.63
CA ARG C 47 12.52 16.72 -3.68
C ARG C 47 11.53 17.46 -4.58
N SER C 48 10.90 16.72 -5.49
CA SER C 48 9.90 17.28 -6.40
C SER C 48 9.26 16.13 -7.15
N ALA C 49 8.20 16.41 -7.89
CA ALA C 49 7.55 15.35 -8.62
C ALA C 49 6.57 15.87 -9.66
N VAL C 50 6.07 14.94 -10.46
CA VAL C 50 5.08 15.26 -11.47
C VAL C 50 4.03 14.16 -11.41
N ILE C 51 2.81 14.53 -11.03
CA ILE C 51 1.73 13.57 -10.93
C ILE C 51 0.60 14.01 -11.86
N GLY C 52 -0.53 13.31 -11.81
CA GLY C 52 -1.63 13.70 -12.66
C GLY C 52 -2.83 12.80 -12.48
N TYR C 53 -3.95 13.20 -13.06
CA TYR C 53 -5.15 12.40 -12.99
C TYR C 53 -5.65 12.18 -14.40
N TYR C 54 -6.50 11.18 -14.58
CA TYR C 54 -7.01 10.85 -15.89
C TYR C 54 -8.45 11.33 -16.11
N ASP C 55 -8.63 12.18 -17.12
CA ASP C 55 -9.97 12.67 -17.45
C ASP C 55 -10.59 11.48 -18.15
N GLN C 56 -11.62 10.90 -17.53
CA GLN C 56 -12.27 9.71 -18.07
C GLN C 56 -13.17 9.98 -19.27
N GLU C 57 -13.45 11.25 -19.54
CA GLU C 57 -14.29 11.63 -20.67
C GLU C 57 -13.44 12.02 -21.88
N LYS C 58 -12.51 12.94 -21.69
CA LYS C 58 -11.64 13.38 -22.76
C LYS C 58 -10.59 12.32 -23.06
N LYS C 59 -10.48 11.34 -22.16
CA LYS C 59 -9.53 10.26 -22.32
C LYS C 59 -8.09 10.76 -22.41
N GLU C 60 -7.70 11.63 -21.49
CA GLU C 60 -6.34 12.15 -21.45
C GLU C 60 -5.92 12.51 -20.04
N TYR C 61 -4.61 12.44 -19.80
CA TYR C 61 -4.08 12.75 -18.47
C TYR C 61 -3.94 14.26 -18.30
N VAL C 62 -4.04 14.69 -17.05
CA VAL C 62 -3.90 16.10 -16.70
C VAL C 62 -2.84 16.07 -15.60
N LYS C 63 -1.67 16.61 -15.87
CA LYS C 63 -0.62 16.57 -14.86
C LYS C 63 -0.42 17.82 -14.04
N LYS C 64 0.19 17.63 -12.88
CA LYS C 64 0.46 18.70 -11.94
C LYS C 64 1.93 18.66 -11.51
N GLU C 65 2.58 19.81 -11.48
CA GLU C 65 3.97 19.87 -11.09
C GLU C 65 4.05 20.27 -9.63
N LEU C 66 4.93 19.62 -8.89
CA LEU C 66 5.13 19.92 -7.48
C LEU C 66 6.62 20.10 -7.25
N GLU C 68 8.33 21.16 -4.59
CA GLU C 68 8.52 21.33 -3.17
C GLU C 68 8.77 19.95 -2.59
N PRO C 69 9.64 19.86 -1.58
CA PRO C 69 9.91 18.55 -0.98
C PRO C 69 8.66 17.98 -0.33
N LEU C 70 8.39 16.70 -0.56
CA LEU C 70 7.23 16.04 0.03
C LEU C 70 7.60 14.65 0.51
N GLU C 71 6.82 14.14 1.45
CA GLU C 71 7.03 12.79 1.95
C GLU C 71 6.26 11.89 1.00
N ILE C 72 6.76 10.68 0.79
CA ILE C 72 6.05 9.72 -0.04
C ILE C 72 5.13 9.10 1.00
N LEU C 73 3.89 9.58 1.07
CA LEU C 73 2.93 9.06 2.03
C LEU C 73 2.50 7.65 1.67
N SER C 74 2.42 7.39 0.37
CA SER C 74 2.03 6.09 -0.15
C SER C 74 2.48 5.95 -1.60
N LEU C 75 3.05 4.80 -1.93
CA LEU C 75 3.50 4.53 -3.28
C LEU C 75 3.23 3.06 -3.55
N SER C 76 2.39 2.80 -4.54
CA SER C 76 2.02 1.44 -4.87
C SER C 76 1.84 1.28 -6.37
N GLY C 77 2.05 0.06 -6.87
CA GLY C 77 1.88 -0.15 -8.29
C GLY C 77 2.32 -1.51 -8.76
N ASN C 78 2.50 -1.65 -10.06
CA ASN C 78 2.89 -2.92 -10.61
C ASN C 78 3.81 -2.78 -11.82
N VAL C 79 4.39 -3.90 -12.22
CA VAL C 79 5.27 -3.97 -13.38
C VAL C 79 4.62 -4.91 -14.39
N SER C 80 4.76 -4.56 -15.66
CA SER C 80 4.21 -5.37 -16.73
C SER C 80 4.95 -5.02 -18.02
N LYS C 82 5.32 -3.44 -21.77
CA LYS C 82 4.84 -2.42 -22.68
C LYS C 82 5.99 -2.06 -23.63
N ASP C 83 5.71 -2.12 -24.93
CA ASP C 83 6.73 -1.80 -25.93
C ASP C 83 8.00 -2.63 -25.72
N SER C 84 7.83 -3.93 -25.48
CA SER C 84 8.93 -4.86 -25.32
C SER C 84 9.82 -4.72 -24.08
N LYS C 85 9.37 -4.00 -23.06
CA LYS C 85 10.20 -3.85 -21.87
C LYS C 85 9.40 -3.57 -20.59
N PRO C 86 9.97 -3.92 -19.43
CA PRO C 86 9.26 -3.70 -18.16
C PRO C 86 8.77 -2.26 -18.01
N PHE C 87 7.48 -2.11 -17.73
CA PHE C 87 6.86 -0.81 -17.60
C PHE C 87 6.20 -0.63 -16.22
N CYS C 88 6.55 0.46 -15.54
CA CYS C 88 6.00 0.72 -14.21
C CYS C 88 4.72 1.57 -14.26
N HIS C 89 3.72 1.12 -13.51
CA HIS C 89 2.46 1.84 -13.39
C HIS C 89 2.41 2.09 -11.89
N ILE C 90 2.55 3.35 -11.49
CA ILE C 90 2.58 3.67 -10.07
C ILE C 90 1.68 4.83 -9.67
N HIS C 91 1.01 4.67 -8.54
CA HIS C 91 0.16 5.73 -8.01
C HIS C 91 0.74 6.14 -6.67
N VAL C 92 0.67 7.44 -6.36
CA VAL C 92 1.22 7.93 -5.12
C VAL C 92 0.38 8.95 -4.40
N LEU C 93 0.79 9.20 -3.17
CA LEU C 93 0.21 10.19 -2.30
C LEU C 93 1.46 10.85 -1.71
N LEU C 94 1.61 12.14 -1.98
CA LEU C 94 2.76 12.89 -1.51
C LEU C 94 2.25 14.07 -0.72
N GLY C 95 3.03 14.51 0.26
CA GLY C 95 2.62 15.65 1.05
C GLY C 95 3.22 15.67 2.44
N LYS C 96 2.63 16.47 3.31
CA LYS C 96 3.06 16.60 4.68
C LYS C 96 1.91 17.20 5.47
N ASP C 97 1.65 16.63 6.64
CA ASP C 97 0.56 17.08 7.49
C ASP C 97 -0.75 17.01 6.72
N GLY C 98 -1.49 18.11 6.71
CA GLY C 98 -2.76 18.14 6.00
C GLY C 98 -2.61 18.48 4.52
N GLU C 99 -1.37 18.70 4.07
CA GLU C 99 -1.13 19.03 2.66
C GLU C 99 -0.89 17.72 1.92
N VAL C 100 -1.90 17.22 1.23
CA VAL C 100 -1.76 15.96 0.51
C VAL C 100 -2.17 16.06 -0.95
N TYR C 101 -1.34 15.46 -1.80
CA TYR C 101 -1.56 15.43 -3.25
C TYR C 101 -1.54 13.97 -3.64
N GLY C 102 -2.32 13.60 -4.66
CA GLY C 102 -2.31 12.21 -5.08
C GLY C 102 -2.60 12.03 -6.55
N GLY C 103 -2.18 10.90 -7.11
CA GLY C 103 -2.43 10.64 -8.51
C GLY C 103 -1.50 9.66 -9.17
N HIS C 104 -1.60 9.62 -10.49
CA HIS C 104 -0.76 8.76 -11.33
C HIS C 104 0.63 9.38 -11.29
N LEU C 105 1.65 8.58 -10.98
CA LEU C 105 3.00 9.13 -10.91
C LEU C 105 3.70 9.15 -12.27
N PHE C 106 4.30 10.29 -12.61
CA PHE C 106 5.02 10.43 -13.88
C PHE C 106 6.52 10.49 -13.60
N SER C 107 6.90 11.30 -12.62
CA SER C 107 8.31 11.42 -12.27
C SER C 107 8.47 11.99 -10.87
N ALA C 108 9.60 11.71 -10.24
CA ALA C 108 9.88 12.22 -8.92
C ALA C 108 11.37 12.14 -8.63
N GLU C 109 11.93 13.24 -8.15
CA GLU C 109 13.33 13.29 -7.80
C GLU C 109 13.45 12.77 -6.37
N VAL C 110 14.21 11.69 -6.20
CA VAL C 110 14.40 11.07 -4.90
C VAL C 110 15.24 11.85 -3.88
N PHE C 111 14.79 11.87 -2.63
CA PHE C 111 15.54 12.48 -1.53
C PHE C 111 16.09 11.23 -0.84
N ALA C 112 15.18 10.37 -0.42
CA ALA C 112 15.49 9.08 0.21
C ALA C 112 14.29 8.19 -0.08
N CYS C 113 14.54 7.06 -0.72
CA CYS C 113 13.46 6.15 -1.07
C CYS C 113 13.81 4.68 -0.88
N GLU C 114 12.93 3.95 -0.21
CA GLU C 114 13.12 2.53 0.05
C GLU C 114 11.96 1.83 -0.65
N VAL C 115 12.32 1.04 -1.65
CA VAL C 115 11.35 0.34 -2.48
C VAL C 115 11.32 -1.17 -2.26
N PHE C 116 10.12 -1.72 -2.16
CA PHE C 116 9.98 -3.15 -2.02
C PHE C 116 9.48 -3.66 -3.36
N VAL C 117 10.16 -4.65 -3.90
CA VAL C 117 9.75 -5.21 -5.18
C VAL C 117 9.50 -6.68 -5.01
N LEU C 118 8.33 -7.12 -5.47
CA LEU C 118 7.96 -8.53 -5.39
C LEU C 118 7.78 -9.02 -6.81
N PRO C 119 8.83 -9.65 -7.38
CA PRO C 119 8.73 -10.16 -8.75
C PRO C 119 7.67 -11.24 -8.83
N LEU C 120 7.01 -11.32 -9.98
CA LEU C 120 5.98 -12.32 -10.18
C LEU C 120 6.40 -13.21 -11.36
N SER C 121 6.63 -14.48 -11.06
CA SER C 121 7.03 -15.45 -12.05
C SER C 121 5.83 -16.04 -12.78
N GLY C 122 5.67 -15.70 -14.05
CA GLY C 122 4.56 -16.20 -14.84
C GLY C 122 4.45 -15.36 -16.09
N GLU C 123 3.37 -15.53 -16.84
CA GLU C 123 3.21 -14.75 -18.06
C GLU C 123 2.98 -13.29 -17.70
N ALA C 124 3.89 -12.43 -18.13
CA ALA C 124 3.79 -11.00 -17.87
C ALA C 124 2.68 -10.40 -18.72
N PRO C 125 1.77 -9.63 -18.10
CA PRO C 125 0.70 -9.03 -18.90
C PRO C 125 1.27 -7.94 -19.81
N GLU C 126 0.68 -7.82 -20.99
CA GLU C 126 1.10 -6.83 -21.98
C GLU C 126 0.08 -5.72 -22.06
N ARG C 127 0.54 -4.48 -22.11
CA ARG C 127 -0.35 -3.32 -22.19
C ARG C 127 -0.64 -2.93 -23.64
N ALA C 128 -1.92 -3.00 -24.01
CA ALA C 128 -2.33 -2.63 -25.37
C ALA C 128 -3.42 -1.57 -25.27
N PHE C 129 -3.54 -0.74 -26.30
CA PHE C 129 -4.55 0.32 -26.28
C PHE C 129 -5.96 -0.24 -26.13
N ASP C 130 -6.71 0.32 -25.19
CA ASP C 130 -8.07 -0.08 -24.92
C ASP C 130 -9.01 1.06 -25.32
N GLU C 131 -9.88 0.79 -26.28
CA GLU C 131 -10.83 1.78 -26.79
C GLU C 131 -11.70 2.39 -25.70
N GLN C 132 -12.32 1.52 -24.91
CA GLN C 132 -13.22 1.91 -23.83
C GLN C 132 -12.71 3.00 -22.89
N THR C 133 -11.50 2.82 -22.38
CA THR C 133 -10.92 3.79 -21.44
C THR C 133 -9.91 4.76 -22.06
N GLY C 134 -9.28 4.36 -23.15
CA GLY C 134 -8.30 5.22 -23.79
C GLY C 134 -6.93 4.99 -23.18
N LEU C 135 -6.85 4.05 -22.23
CA LEU C 135 -5.59 3.71 -21.58
C LEU C 135 -4.97 2.50 -22.26
N PHE C 136 -3.81 2.10 -21.74
CA PHE C 136 -3.12 0.92 -22.25
C PHE C 136 -3.25 -0.12 -21.16
N LEU C 137 -4.28 -0.95 -21.28
CA LEU C 137 -4.56 -1.99 -20.30
C LEU C 137 -4.03 -3.36 -20.71
N TRP C 138 -3.95 -4.26 -19.74
CA TRP C 138 -3.44 -5.60 -19.99
C TRP C 138 -4.32 -6.40 -20.93
N LEU C 139 -3.70 -7.10 -21.85
CA LEU C 139 -4.43 -7.90 -22.81
C LEU C 139 -4.17 -9.38 -22.59
N GLU C 140 -2.92 -9.79 -22.82
CA GLU C 140 -2.54 -11.19 -22.67
C GLU C 140 -1.04 -11.26 -22.35
#